data_4M7H
#
_entry.id   4M7H
#
_cell.length_a   118.560
_cell.length_b   118.560
_cell.length_c   44.250
_cell.angle_alpha   90.000
_cell.angle_beta   90.000
_cell.angle_gamma   90.000
#
_symmetry.space_group_name_H-M   'P 4'
#
loop_
_entity.id
_entity.type
_entity.pdbx_description
1 polymer 'Fibrinogen C domain-containing protein 1'
2 non-polymer 'CALCIUM ION'
3 non-polymer 2-acetamido-2-deoxy-beta-D-glucopyranose
4 non-polymer 'ACETIC ACID'
5 non-polymer 'SULFATE ION'
6 non-polymer GLYCEROL
7 water water
#
_entity_poly.entity_id   1
_entity_poly.type   'polypeptide(L)'
_entity_poly.pdbx_seq_one_letter_code
;ATGSRPRDCLDVLLSGQQDDGVYSVFPTHYPAGFQVYCDMRTDGGGWTVFQRREDGSVNFFRGWDAYRDGFGRLTGEHWL
GLKRIHALTTQAAYELHVDLEDFENGTAYARYGSFGVGLFSVDPEEDGYPLTVADYSGTAGDSLLKHSGMRFTTKDRDSD
HSENNCAAFYRGAWWYRNCHTSNLNGQYLRGAHASYADGVEWSSWTGWQYSLKFSEMKIRPVREDR
;
_entity_poly.pdbx_strand_id   A,B
#
# COMPACT_ATOMS: atom_id res chain seq x y z
N SER A 4 -8.09 -12.47 58.28
CA SER A 4 -9.25 -13.32 57.91
C SER A 4 -10.23 -12.56 57.01
N ARG A 5 -10.17 -11.23 57.05
CA ARG A 5 -11.05 -10.41 56.23
C ARG A 5 -10.31 -9.42 55.33
N PRO A 6 -9.79 -9.91 54.18
CA PRO A 6 -9.07 -9.04 53.24
C PRO A 6 -10.06 -8.03 52.67
N ARG A 7 -9.64 -6.77 52.53
CA ARG A 7 -10.52 -5.74 51.99
C ARG A 7 -10.50 -5.71 50.46
N ASP A 8 -9.46 -6.30 49.89
CA ASP A 8 -9.30 -6.36 48.43
C ASP A 8 -8.23 -7.40 48.10
N CYS A 9 -7.94 -7.56 46.82
CA CYS A 9 -6.94 -8.54 46.39
C CYS A 9 -5.53 -8.25 46.85
N LEU A 10 -5.22 -7.00 47.21
CA LEU A 10 -3.87 -6.71 47.68
C LEU A 10 -3.71 -7.33 49.06
N ASP A 11 -4.76 -7.24 49.88
CA ASP A 11 -4.73 -7.84 51.21
C ASP A 11 -4.60 -9.34 51.04
N VAL A 12 -5.29 -9.90 50.05
CA VAL A 12 -5.23 -11.33 49.81
C VAL A 12 -3.79 -11.72 49.46
N LEU A 13 -3.18 -10.96 48.57
CA LEU A 13 -1.80 -11.23 48.18
C LEU A 13 -0.85 -11.15 49.37
N LEU A 14 -0.91 -10.02 50.09
CA LEU A 14 -0.04 -9.82 51.25
C LEU A 14 -0.24 -10.86 52.35
N SER A 15 -1.34 -11.60 52.29
CA SER A 15 -1.60 -12.63 53.31
C SER A 15 -0.96 -13.96 52.92
N GLY A 16 -0.31 -14.00 51.77
CA GLY A 16 0.34 -15.23 51.35
C GLY A 16 -0.25 -15.94 50.15
N GLN A 17 -1.33 -15.41 49.60
CA GLN A 17 -1.97 -16.02 48.44
C GLN A 17 -1.35 -15.48 47.15
N GLN A 18 -0.57 -16.32 46.47
CA GLN A 18 0.11 -15.90 45.25
C GLN A 18 -0.52 -16.35 43.93
N ASP A 19 -1.50 -17.24 43.96
CA ASP A 19 -2.11 -17.71 42.72
C ASP A 19 -3.27 -16.85 42.22
N ASP A 20 -3.30 -16.60 40.92
CA ASP A 20 -4.41 -15.85 40.33
C ASP A 20 -5.63 -16.70 40.64
N GLY A 21 -6.80 -16.08 40.78
CA GLY A 21 -7.98 -16.85 41.08
C GLY A 21 -9.09 -16.08 41.76
N VAL A 22 -10.12 -16.81 42.18
CA VAL A 22 -11.27 -16.22 42.85
C VAL A 22 -11.07 -16.25 44.37
N TYR A 23 -11.28 -15.10 45.00
CA TYR A 23 -11.12 -14.96 46.45
C TYR A 23 -12.22 -14.09 47.04
N SER A 24 -12.45 -14.25 48.35
CA SER A 24 -13.44 -13.46 49.06
C SER A 24 -12.77 -12.19 49.59
N VAL A 25 -13.45 -11.06 49.45
CA VAL A 25 -12.94 -9.79 49.96
C VAL A 25 -14.08 -9.11 50.71
N PHE A 26 -13.73 -8.24 51.65
CA PHE A 26 -14.75 -7.60 52.48
C PHE A 26 -14.54 -6.09 52.61
N PRO A 27 -15.12 -5.31 51.68
CA PRO A 27 -14.97 -3.85 51.72
C PRO A 27 -15.50 -3.26 53.02
N THR A 28 -14.93 -2.13 53.43
CA THR A 28 -15.32 -1.47 54.66
C THR A 28 -16.84 -1.30 54.83
N HIS A 29 -17.52 -0.85 53.78
CA HIS A 29 -18.95 -0.65 53.89
C HIS A 29 -19.80 -1.70 53.16
N TYR A 30 -19.26 -2.89 53.01
CA TYR A 30 -19.95 -4.01 52.37
C TYR A 30 -19.42 -5.21 53.16
N PRO A 31 -19.64 -5.21 54.49
CA PRO A 31 -19.17 -6.28 55.38
C PRO A 31 -19.55 -7.72 55.05
N ALA A 32 -20.66 -7.92 54.34
CA ALA A 32 -21.06 -9.26 53.97
C ALA A 32 -20.00 -9.85 53.04
N GLY A 33 -19.31 -8.96 52.32
CA GLY A 33 -18.29 -9.37 51.39
C GLY A 33 -18.81 -10.01 50.12
N PHE A 34 -17.90 -10.38 49.22
CA PHE A 34 -18.25 -11.02 47.96
C PHE A 34 -17.00 -11.58 47.31
N GLN A 35 -17.17 -12.39 46.28
CA GLN A 35 -16.01 -12.96 45.59
C GLN A 35 -15.62 -12.12 44.39
N VAL A 36 -14.32 -12.15 44.08
CA VAL A 36 -13.76 -11.41 42.95
C VAL A 36 -12.61 -12.21 42.36
N TYR A 37 -12.19 -11.84 41.17
CA TYR A 37 -11.07 -12.52 40.55
C TYR A 37 -9.86 -11.65 40.84
N CYS A 38 -8.79 -12.26 41.34
CA CYS A 38 -7.58 -11.54 41.68
C CYS A 38 -6.43 -11.81 40.71
N ASP A 39 -5.82 -10.73 40.23
CA ASP A 39 -4.67 -10.84 39.33
C ASP A 39 -3.45 -10.68 40.21
N MET A 40 -2.77 -11.79 40.50
CA MET A 40 -1.59 -11.76 41.36
C MET A 40 -0.26 -11.70 40.61
N ARG A 41 -0.30 -11.35 39.32
CA ARG A 41 0.93 -11.30 38.53
C ARG A 41 1.32 -9.92 37.99
N THR A 42 0.35 -9.17 37.49
CA THR A 42 0.61 -7.85 36.92
C THR A 42 1.31 -6.86 37.85
N ASP A 43 2.49 -6.42 37.43
CA ASP A 43 3.28 -5.45 38.17
C ASP A 43 3.36 -5.73 39.68
N GLY A 44 3.60 -6.98 40.03
CA GLY A 44 3.69 -7.32 41.44
C GLY A 44 2.45 -8.01 41.99
N GLY A 45 1.34 -7.88 41.28
CA GLY A 45 0.11 -8.53 41.72
C GLY A 45 -0.74 -7.75 42.71
N GLY A 46 -1.88 -8.32 43.08
CA GLY A 46 -2.78 -7.67 44.02
C GLY A 46 -3.86 -6.82 43.39
N TRP A 47 -4.20 -7.10 42.13
CA TRP A 47 -5.22 -6.34 41.43
C TRP A 47 -6.59 -7.02 41.51
N THR A 48 -7.62 -6.24 41.81
CA THR A 48 -8.98 -6.76 41.89
C THR A 48 -9.65 -6.45 40.56
N VAL A 49 -10.03 -7.48 39.83
CA VAL A 49 -10.68 -7.32 38.53
C VAL A 49 -12.15 -6.95 38.68
N PHE A 50 -12.64 -6.06 37.81
CA PHE A 50 -14.06 -5.70 37.86
C PHE A 50 -14.74 -5.79 36.50
N GLN A 51 -13.95 -5.99 35.44
CA GLN A 51 -14.47 -6.14 34.10
C GLN A 51 -13.54 -6.99 33.25
N ARG A 52 -14.12 -7.86 32.42
CA ARG A 52 -13.33 -8.69 31.53
C ARG A 52 -14.14 -9.07 30.30
N ARG A 53 -13.52 -8.90 29.14
CA ARG A 53 -14.10 -9.29 27.85
C ARG A 53 -13.04 -10.22 27.28
N GLU A 54 -13.44 -11.32 26.64
CA GLU A 54 -12.44 -12.23 26.08
C GLU A 54 -12.96 -13.15 24.97
N ASP A 55 -14.27 -13.22 24.79
CA ASP A 55 -14.81 -14.10 23.75
C ASP A 55 -16.23 -13.84 23.28
N GLY A 56 -16.86 -12.79 23.81
CA GLY A 56 -18.21 -12.45 23.40
C GLY A 56 -19.30 -13.40 23.85
N SER A 57 -18.98 -14.29 24.79
CA SER A 57 -19.96 -15.25 25.28
C SER A 57 -21.03 -14.62 26.17
N VAL A 58 -20.73 -13.44 26.71
CA VAL A 58 -21.67 -12.74 27.59
C VAL A 58 -22.21 -11.44 27.00
N ASN A 59 -23.52 -11.23 27.14
CA ASN A 59 -24.14 -10.03 26.62
C ASN A 59 -23.85 -8.85 27.56
N PHE A 60 -23.27 -7.79 27.00
CA PHE A 60 -22.96 -6.61 27.80
C PHE A 60 -23.90 -5.44 27.55
N PHE A 61 -24.82 -5.62 26.61
CA PHE A 61 -25.77 -4.56 26.35
C PHE A 61 -26.92 -4.73 27.34
N ARG A 62 -26.60 -4.50 28.63
CA ARG A 62 -27.54 -4.65 29.72
C ARG A 62 -28.04 -3.33 30.28
N GLY A 63 -29.13 -3.41 31.03
CA GLY A 63 -29.73 -2.24 31.64
C GLY A 63 -29.06 -1.79 32.93
N TRP A 64 -29.65 -0.77 33.55
CA TRP A 64 -29.13 -0.21 34.79
C TRP A 64 -28.98 -1.15 35.98
N ASP A 65 -30.00 -1.97 36.25
CA ASP A 65 -29.91 -2.88 37.39
C ASP A 65 -28.77 -3.87 37.25
N ALA A 66 -28.56 -4.37 36.03
CA ALA A 66 -27.49 -5.32 35.78
C ALA A 66 -26.11 -4.71 35.99
N TYR A 67 -25.92 -3.47 35.53
CA TYR A 67 -24.62 -2.83 35.71
C TYR A 67 -24.39 -2.44 37.16
N ARG A 68 -25.49 -2.28 37.90
CA ARG A 68 -25.38 -1.95 39.31
C ARG A 68 -25.01 -3.19 40.12
N ASP A 69 -25.72 -4.29 39.85
CA ASP A 69 -25.51 -5.53 40.58
C ASP A 69 -24.47 -6.49 40.01
N GLY A 70 -24.13 -6.34 38.74
CA GLY A 70 -23.14 -7.21 38.13
C GLY A 70 -23.72 -8.38 37.36
N PHE A 71 -22.92 -8.93 36.44
CA PHE A 71 -23.36 -10.07 35.64
C PHE A 71 -22.15 -10.81 35.10
N GLY A 72 -22.39 -12.00 34.52
CA GLY A 72 -21.30 -12.79 33.98
C GLY A 72 -20.69 -13.67 35.05
N ARG A 73 -19.54 -14.25 34.76
CA ARG A 73 -18.87 -15.12 35.72
C ARG A 73 -17.43 -14.68 35.96
N LEU A 74 -16.99 -14.79 37.21
CA LEU A 74 -15.65 -14.37 37.63
C LEU A 74 -14.51 -15.04 36.90
N THR A 75 -14.72 -16.27 36.44
CA THR A 75 -13.70 -17.01 35.72
C THR A 75 -13.73 -16.72 34.22
N GLY A 76 -14.64 -15.86 33.80
CA GLY A 76 -14.73 -15.52 32.39
C GLY A 76 -15.12 -14.06 32.22
N GLU A 77 -15.96 -13.80 31.21
CA GLU A 77 -16.39 -12.43 30.96
C GLU A 77 -17.36 -12.01 32.04
N HIS A 78 -17.21 -10.79 32.54
CA HIS A 78 -18.11 -10.31 33.58
C HIS A 78 -17.97 -8.83 33.88
N TRP A 79 -18.90 -8.35 34.69
CA TRP A 79 -18.89 -6.97 35.17
C TRP A 79 -19.25 -7.16 36.63
N LEU A 80 -18.33 -6.75 37.51
CA LEU A 80 -18.51 -6.92 38.95
C LEU A 80 -19.72 -6.21 39.53
N GLY A 81 -20.10 -5.08 38.95
CA GLY A 81 -21.24 -4.34 39.45
C GLY A 81 -20.81 -3.04 40.12
N LEU A 82 -21.41 -1.94 39.69
CA LEU A 82 -21.08 -0.63 40.22
C LEU A 82 -21.22 -0.51 41.72
N LYS A 83 -22.14 -1.25 42.33
CA LYS A 83 -22.29 -1.16 43.77
C LYS A 83 -21.05 -1.74 44.45
N ARG A 84 -20.45 -2.77 43.85
CA ARG A 84 -19.24 -3.36 44.43
C ARG A 84 -18.01 -2.51 44.13
N ILE A 85 -17.93 -2.00 42.90
CA ILE A 85 -16.80 -1.16 42.51
C ILE A 85 -16.78 0.08 43.39
N HIS A 86 -17.95 0.60 43.72
CA HIS A 86 -18.04 1.76 44.58
C HIS A 86 -17.54 1.42 45.98
N ALA A 87 -17.96 0.27 46.49
CA ALA A 87 -17.57 -0.19 47.82
C ALA A 87 -16.07 -0.33 47.91
N LEU A 88 -15.46 -0.81 46.83
CA LEU A 88 -14.03 -0.99 46.78
C LEU A 88 -13.23 0.32 46.66
N THR A 89 -13.56 1.15 45.68
CA THR A 89 -12.82 2.40 45.48
C THR A 89 -13.00 3.51 46.52
N THR A 90 -14.03 3.44 47.36
CA THR A 90 -14.23 4.47 48.36
C THR A 90 -13.55 4.15 49.68
N GLN A 91 -13.05 2.92 49.84
CA GLN A 91 -12.42 2.53 51.09
C GLN A 91 -10.94 2.88 51.16
N ALA A 92 -10.38 3.31 50.03
CA ALA A 92 -8.97 3.70 49.95
C ALA A 92 -8.73 4.31 48.57
N ALA A 93 -7.51 4.84 48.37
CA ALA A 93 -7.15 5.44 47.09
C ALA A 93 -6.64 4.35 46.16
N TYR A 94 -7.35 4.12 45.06
CA TYR A 94 -6.97 3.08 44.12
C TYR A 94 -6.47 3.59 42.77
N GLU A 95 -5.68 2.76 42.12
CA GLU A 95 -5.17 3.06 40.80
C GLU A 95 -5.90 2.06 39.89
N LEU A 96 -6.00 2.38 38.61
CA LEU A 96 -6.66 1.51 37.66
C LEU A 96 -5.70 1.02 36.60
N HIS A 97 -5.79 -0.24 36.25
CA HIS A 97 -4.95 -0.83 35.21
C HIS A 97 -5.89 -1.45 34.19
N VAL A 98 -5.65 -1.15 32.91
CA VAL A 98 -6.48 -1.69 31.84
C VAL A 98 -5.60 -2.44 30.85
N ASP A 99 -5.84 -3.74 30.70
CA ASP A 99 -5.09 -4.56 29.74
C ASP A 99 -5.97 -4.80 28.52
N LEU A 100 -5.38 -4.63 27.34
CA LEU A 100 -6.11 -4.82 26.08
C LEU A 100 -5.35 -5.75 25.15
N GLU A 101 -6.07 -6.35 24.22
CA GLU A 101 -5.48 -7.27 23.24
C GLU A 101 -6.31 -7.25 21.95
N ASP A 102 -5.64 -7.20 20.81
CA ASP A 102 -6.37 -7.20 19.54
C ASP A 102 -6.39 -8.62 19.00
N PHE A 103 -6.92 -8.79 17.80
CA PHE A 103 -7.01 -10.13 17.20
C PHE A 103 -5.76 -10.49 16.42
N GLU A 104 -4.74 -9.63 16.48
CA GLU A 104 -3.48 -9.88 15.79
C GLU A 104 -2.31 -10.10 16.73
N ASN A 105 -2.56 -10.77 17.86
CA ASN A 105 -1.51 -11.09 18.83
C ASN A 105 -1.02 -9.88 19.65
N GLY A 106 -1.42 -8.68 19.26
CA GLY A 106 -0.96 -7.49 19.96
C GLY A 106 -1.60 -7.20 21.31
N THR A 107 -0.84 -6.57 22.21
CA THR A 107 -1.33 -6.20 23.53
C THR A 107 -0.85 -4.80 23.90
N ALA A 108 -1.56 -4.17 24.83
CA ALA A 108 -1.23 -2.82 25.30
C ALA A 108 -1.95 -2.62 26.62
N TYR A 109 -1.55 -1.59 27.37
CA TYR A 109 -2.19 -1.34 28.65
C TYR A 109 -2.23 0.14 28.96
N ALA A 110 -3.12 0.51 29.87
CA ALA A 110 -3.25 1.90 30.29
C ALA A 110 -3.35 1.87 31.81
N ARG A 111 -2.54 2.70 32.47
CA ARG A 111 -2.55 2.79 33.92
C ARG A 111 -2.96 4.19 34.35
N TYR A 112 -3.82 4.27 35.35
CA TYR A 112 -4.28 5.55 35.88
C TYR A 112 -3.99 5.63 37.37
N GLY A 113 -3.18 6.60 37.76
CA GLY A 113 -2.79 6.77 39.15
C GLY A 113 -3.93 6.91 40.16
N SER A 114 -5.10 7.33 39.70
CA SER A 114 -6.24 7.49 40.58
C SER A 114 -7.52 7.11 39.83
N PHE A 115 -8.35 6.31 40.49
CA PHE A 115 -9.62 5.85 39.92
C PHE A 115 -10.67 5.66 41.00
N GLY A 116 -11.90 6.06 40.70
CA GLY A 116 -12.97 5.91 41.66
C GLY A 116 -14.34 6.08 41.02
N VAL A 117 -15.35 5.52 41.68
CA VAL A 117 -16.73 5.60 41.21
C VAL A 117 -17.62 6.12 42.34
N GLY A 118 -18.30 7.24 42.09
CA GLY A 118 -19.17 7.84 43.09
C GLY A 118 -18.50 8.08 44.43
N LEU A 119 -17.24 8.50 44.38
CA LEU A 119 -16.45 8.73 45.59
C LEU A 119 -17.04 9.55 46.73
N PHE A 120 -17.79 10.60 46.42
CA PHE A 120 -18.37 11.42 47.49
C PHE A 120 -19.89 11.52 47.40
N SER A 121 -20.49 10.63 46.64
CA SER A 121 -21.94 10.61 46.45
C SER A 121 -22.64 10.06 47.69
N VAL A 122 -23.63 10.79 48.22
CA VAL A 122 -24.36 10.32 49.39
C VAL A 122 -25.07 9.02 49.01
N ASP A 123 -25.62 9.02 47.80
CA ASP A 123 -26.32 7.85 47.25
C ASP A 123 -25.69 7.65 45.88
N PRO A 124 -24.60 6.86 45.81
CA PRO A 124 -23.92 6.60 44.54
C PRO A 124 -24.80 6.16 43.38
N GLU A 125 -25.83 5.36 43.66
CA GLU A 125 -26.70 4.92 42.59
C GLU A 125 -27.52 6.06 42.01
N GLU A 126 -28.17 6.84 42.86
CA GLU A 126 -28.99 7.96 42.38
C GLU A 126 -28.10 9.00 41.71
N ASP A 127 -26.87 9.15 42.21
CA ASP A 127 -25.92 10.11 41.66
C ASP A 127 -25.29 9.61 40.36
N GLY A 128 -25.62 8.38 39.97
CA GLY A 128 -25.10 7.82 38.73
C GLY A 128 -23.68 7.31 38.70
N TYR A 129 -23.15 6.92 39.85
CA TYR A 129 -21.79 6.39 39.96
C TYR A 129 -20.77 7.19 39.16
N PRO A 130 -20.68 8.52 39.41
CA PRO A 130 -19.73 9.36 38.70
C PRO A 130 -18.28 8.90 38.74
N LEU A 131 -17.64 8.96 37.58
CA LEU A 131 -16.26 8.54 37.41
C LEU A 131 -15.20 9.54 37.87
N THR A 132 -14.17 9.01 38.54
CA THR A 132 -13.03 9.77 39.01
C THR A 132 -11.83 9.04 38.42
N VAL A 133 -11.01 9.74 37.63
CA VAL A 133 -9.85 9.12 37.04
C VAL A 133 -8.82 10.16 36.58
N ALA A 134 -7.54 9.85 36.78
CA ALA A 134 -6.48 10.78 36.40
C ALA A 134 -5.12 10.10 36.40
N ASP A 135 -4.12 10.84 35.93
CA ASP A 135 -2.73 10.38 35.89
C ASP A 135 -2.47 9.15 35.02
N TYR A 136 -2.55 9.34 33.71
CA TYR A 136 -2.31 8.27 32.74
C TYR A 136 -0.85 7.97 32.44
N SER A 137 -0.59 6.71 32.08
CA SER A 137 0.73 6.25 31.69
C SER A 137 0.52 4.85 31.11
N GLY A 138 1.28 4.49 30.08
CA GLY A 138 1.12 3.19 29.48
C GLY A 138 1.45 3.15 28.01
N THR A 139 0.99 2.10 27.34
CA THR A 139 1.25 1.91 25.92
C THR A 139 0.00 1.98 25.03
N ALA A 140 -1.18 1.86 25.63
CA ALA A 140 -2.42 1.90 24.88
C ALA A 140 -2.90 3.33 24.61
N GLY A 141 -2.27 4.29 25.27
CA GLY A 141 -2.68 5.67 25.12
C GLY A 141 -3.86 5.93 26.04
N ASP A 142 -4.18 7.19 26.28
CA ASP A 142 -5.29 7.50 27.17
C ASP A 142 -6.60 7.67 26.41
N SER A 143 -7.62 6.90 26.82
CA SER A 143 -8.94 6.98 26.21
C SER A 143 -9.98 7.05 27.32
N LEU A 144 -9.57 7.51 28.50
CA LEU A 144 -10.49 7.59 29.62
C LEU A 144 -10.54 8.95 30.33
N LEU A 145 -9.45 9.70 30.31
CA LEU A 145 -9.42 11.00 30.99
C LEU A 145 -10.56 11.94 30.61
N LYS A 146 -11.00 11.91 29.36
CA LYS A 146 -12.09 12.78 28.92
C LYS A 146 -13.42 12.40 29.58
N HIS A 147 -13.49 11.19 30.10
CA HIS A 147 -14.71 10.71 30.74
C HIS A 147 -14.80 11.08 32.22
N SER A 148 -13.72 11.63 32.77
CA SER A 148 -13.71 11.99 34.18
C SER A 148 -14.85 12.95 34.54
N GLY A 149 -15.56 12.64 35.61
CA GLY A 149 -16.67 13.49 36.04
C GLY A 149 -18.02 13.09 35.47
N MET A 150 -18.03 12.22 34.47
CA MET A 150 -19.28 11.79 33.87
C MET A 150 -19.96 10.70 34.70
N ARG A 151 -21.28 10.67 34.63
CA ARG A 151 -22.06 9.66 35.33
C ARG A 151 -22.15 8.45 34.42
N PHE A 152 -22.47 7.30 34.98
CA PHE A 152 -22.59 6.07 34.21
C PHE A 152 -23.95 6.06 33.52
N THR A 153 -23.95 5.77 32.22
CA THR A 153 -25.18 5.74 31.42
C THR A 153 -25.43 4.38 30.76
N THR A 154 -26.66 3.92 30.84
CA THR A 154 -27.07 2.65 30.24
C THR A 154 -28.23 2.92 29.29
N LYS A 155 -28.58 1.93 28.49
CA LYS A 155 -29.65 2.08 27.52
C LYS A 155 -30.98 2.52 28.13
N ASP A 156 -31.19 2.25 29.41
CA ASP A 156 -32.44 2.64 30.07
C ASP A 156 -32.31 3.72 31.14
N ARG A 157 -31.16 4.42 31.16
CA ARG A 157 -30.95 5.49 32.13
C ARG A 157 -29.90 6.46 31.58
N ASP A 158 -30.40 7.52 30.94
CA ASP A 158 -29.55 8.54 30.34
C ASP A 158 -29.07 9.61 31.32
N SER A 159 -27.76 9.76 31.41
CA SER A 159 -27.14 10.76 32.28
C SER A 159 -25.91 11.35 31.60
N ASP A 160 -25.86 11.27 30.28
CA ASP A 160 -24.72 11.78 29.53
C ASP A 160 -24.91 13.21 29.05
N HIS A 161 -23.93 13.74 28.32
CA HIS A 161 -23.99 15.09 27.81
C HIS A 161 -24.40 15.14 26.35
N SER A 162 -25.14 14.12 25.92
CA SER A 162 -25.59 14.03 24.53
C SER A 162 -27.09 14.29 24.44
N GLU A 163 -27.52 14.73 23.25
CA GLU A 163 -28.92 15.03 22.99
C GLU A 163 -29.71 13.72 23.03
N ASN A 164 -29.03 12.63 22.70
CA ASN A 164 -29.64 11.31 22.71
C ASN A 164 -28.99 10.43 23.77
N ASN A 165 -29.28 9.14 23.73
CA ASN A 165 -28.71 8.21 24.70
C ASN A 165 -27.48 7.52 24.09
N CYS A 166 -26.31 7.95 24.53
CA CYS A 166 -25.05 7.38 24.03
C CYS A 166 -25.00 5.87 24.17
N ALA A 167 -25.46 5.36 25.31
CA ALA A 167 -25.46 3.92 25.58
C ALA A 167 -26.23 3.13 24.52
N ALA A 168 -27.37 3.66 24.13
CA ALA A 168 -28.19 3.00 23.12
C ALA A 168 -27.53 3.12 21.76
N PHE A 169 -27.07 4.33 21.45
CA PHE A 169 -26.43 4.63 20.17
C PHE A 169 -25.17 3.80 19.93
N TYR A 170 -24.35 3.63 20.97
CA TYR A 170 -23.10 2.88 20.81
C TYR A 170 -23.12 1.50 21.46
N ARG A 171 -24.33 0.97 21.63
CA ARG A 171 -24.58 -0.35 22.18
C ARG A 171 -23.66 -0.78 23.33
N GLY A 172 -23.61 0.04 24.37
CA GLY A 172 -22.78 -0.29 25.52
C GLY A 172 -23.32 0.32 26.79
N ALA A 173 -22.43 0.56 27.74
CA ALA A 173 -22.74 1.15 29.04
C ALA A 173 -21.41 1.73 29.48
N TRP A 174 -21.37 3.03 29.77
CA TRP A 174 -20.11 3.67 30.12
C TRP A 174 -20.37 5.05 30.72
N TRP A 175 -19.29 5.71 31.12
CA TRP A 175 -19.38 7.06 31.68
C TRP A 175 -19.34 7.98 30.48
N TYR A 176 -20.34 7.85 29.63
CA TYR A 176 -20.45 8.63 28.40
C TYR A 176 -20.50 10.13 28.59
N ARG A 177 -19.89 10.84 27.65
CA ARG A 177 -19.87 12.28 27.64
C ARG A 177 -20.70 12.66 26.42
N ASN A 178 -20.04 12.76 25.27
CA ASN A 178 -20.74 13.10 24.03
C ASN A 178 -19.88 12.75 22.81
N CYS A 179 -19.62 11.46 22.61
CA CYS A 179 -20.09 10.40 23.49
C CYS A 179 -18.98 9.64 24.21
N HIS A 180 -17.91 9.28 23.49
CA HIS A 180 -16.83 8.54 24.13
C HIS A 180 -15.53 8.43 23.36
N THR A 181 -14.49 8.01 24.08
CA THR A 181 -13.17 7.77 23.51
C THR A 181 -12.81 6.32 23.83
N SER A 182 -13.61 5.71 24.71
CA SER A 182 -13.44 4.32 25.11
C SER A 182 -14.85 3.72 25.30
N ASN A 183 -15.00 2.43 24.97
CA ASN A 183 -16.31 1.77 25.06
C ASN A 183 -16.08 0.28 25.31
N LEU A 184 -15.36 -0.05 26.39
CA LEU A 184 -15.04 -1.44 26.69
C LEU A 184 -16.21 -2.39 26.99
N ASN A 185 -17.39 -1.83 27.24
CA ASN A 185 -18.57 -2.66 27.50
C ASN A 185 -19.45 -2.73 26.25
N GLY A 186 -18.87 -2.35 25.11
CA GLY A 186 -19.61 -2.37 23.86
C GLY A 186 -19.81 -3.76 23.30
N GLN A 187 -20.38 -3.85 22.10
CA GLN A 187 -20.64 -5.14 21.46
C GLN A 187 -19.34 -5.83 21.06
N TYR A 188 -19.29 -7.15 21.22
CA TYR A 188 -18.11 -7.93 20.86
C TYR A 188 -18.17 -8.18 19.34
N LEU A 189 -17.77 -7.17 18.57
CA LEU A 189 -17.83 -7.25 17.11
C LEU A 189 -16.67 -7.97 16.40
N ARG A 190 -15.61 -8.26 17.15
CA ARG A 190 -14.46 -8.98 16.61
C ARG A 190 -13.66 -8.30 15.50
N GLY A 191 -12.80 -7.37 15.88
CA GLY A 191 -11.96 -6.68 14.90
C GLY A 191 -12.62 -5.51 14.20
N ALA A 192 -12.09 -5.17 13.03
CA ALA A 192 -12.61 -4.06 12.23
C ALA A 192 -14.08 -4.25 11.91
N HIS A 193 -14.83 -3.16 11.94
CA HIS A 193 -16.26 -3.20 11.64
C HIS A 193 -16.74 -1.89 11.01
N ALA A 194 -17.78 -1.96 10.19
CA ALA A 194 -18.31 -0.78 9.51
C ALA A 194 -19.08 0.16 10.45
N SER A 195 -19.88 -0.41 11.35
CA SER A 195 -20.64 0.40 12.30
C SER A 195 -19.65 1.29 13.03
N TYR A 196 -20.09 2.47 13.45
CA TYR A 196 -19.17 3.39 14.12
C TYR A 196 -19.14 3.35 15.65
N ALA A 197 -17.93 3.11 16.17
CA ALA A 197 -17.66 3.10 17.60
C ALA A 197 -18.62 2.34 18.51
N ASP A 198 -19.23 1.27 18.03
CA ASP A 198 -20.17 0.52 18.86
C ASP A 198 -19.67 -0.86 19.27
N GLY A 199 -18.35 -1.06 19.23
CA GLY A 199 -17.77 -2.33 19.63
C GLY A 199 -16.94 -2.12 20.89
N VAL A 200 -16.03 -3.04 21.19
CA VAL A 200 -15.16 -2.91 22.36
C VAL A 200 -14.01 -2.01 21.94
N GLU A 201 -14.21 -0.71 22.06
CA GLU A 201 -13.22 0.27 21.61
C GLU A 201 -12.33 0.94 22.65
N TRP A 202 -11.11 1.25 22.21
CA TRP A 202 -10.13 1.98 22.99
C TRP A 202 -9.48 2.81 21.89
N SER A 203 -10.18 3.87 21.50
CA SER A 203 -9.76 4.73 20.41
C SER A 203 -8.28 5.13 20.30
N SER A 204 -7.65 5.47 21.41
CA SER A 204 -6.25 5.90 21.37
C SER A 204 -5.30 4.82 20.86
N TRP A 205 -5.71 3.56 20.95
CA TRP A 205 -4.85 2.48 20.49
C TRP A 205 -5.30 1.92 19.14
N THR A 206 -6.57 1.54 19.05
CA THR A 206 -7.07 0.95 17.81
C THR A 206 -8.17 1.69 17.06
N GLY A 207 -8.42 2.94 17.40
CA GLY A 207 -9.43 3.69 16.67
C GLY A 207 -10.88 3.49 17.11
N TRP A 208 -11.79 3.97 16.28
CA TRP A 208 -13.22 3.89 16.57
C TRP A 208 -13.98 2.79 15.83
N GLN A 209 -13.29 2.03 14.99
CA GLN A 209 -13.93 0.96 14.24
C GLN A 209 -13.17 -0.35 14.32
N TYR A 210 -12.78 -0.71 15.54
CA TYR A 210 -12.07 -1.96 15.77
C TYR A 210 -12.41 -2.47 17.16
N SER A 211 -13.14 -3.58 17.22
CA SER A 211 -13.56 -4.18 18.48
C SER A 211 -12.49 -5.14 18.98
N LEU A 212 -11.90 -4.80 20.13
CA LEU A 212 -10.84 -5.60 20.72
C LEU A 212 -11.24 -7.02 21.07
N LYS A 213 -10.25 -7.89 21.16
CA LYS A 213 -10.48 -9.29 21.50
C LYS A 213 -10.52 -9.50 23.01
N PHE A 214 -9.71 -8.75 23.73
CA PHE A 214 -9.63 -8.89 25.19
C PHE A 214 -9.48 -7.56 25.89
N SER A 215 -10.07 -7.47 27.08
CA SER A 215 -9.97 -6.28 27.91
C SER A 215 -10.19 -6.72 29.35
N GLU A 216 -9.45 -6.12 30.26
CA GLU A 216 -9.59 -6.44 31.68
C GLU A 216 -9.31 -5.15 32.44
N MET A 217 -10.25 -4.77 33.31
CA MET A 217 -10.12 -3.57 34.10
C MET A 217 -9.95 -4.01 35.54
N LYS A 218 -8.92 -3.51 36.22
CA LYS A 218 -8.65 -3.91 37.59
C LYS A 218 -8.09 -2.76 38.42
N ILE A 219 -8.20 -2.90 39.73
CA ILE A 219 -7.73 -1.85 40.63
C ILE A 219 -6.83 -2.36 41.74
N ARG A 220 -6.00 -1.46 42.27
CA ARG A 220 -5.09 -1.79 43.35
C ARG A 220 -4.85 -0.53 44.17
N PRO A 221 -4.76 -0.65 45.50
CA PRO A 221 -4.52 0.52 46.34
C PRO A 221 -3.25 1.25 45.92
N VAL A 222 -3.31 2.57 45.86
CA VAL A 222 -2.16 3.38 45.46
C VAL A 222 -1.04 3.21 46.50
N SER B 4 25.37 -17.72 -18.60
CA SER B 4 24.96 -18.58 -19.74
C SER B 4 23.66 -18.09 -20.36
N ARG B 5 23.02 -17.13 -19.70
CA ARG B 5 21.77 -16.56 -20.20
C ARG B 5 21.82 -15.04 -20.22
N PRO B 6 22.59 -14.47 -21.15
CA PRO B 6 22.66 -13.01 -21.22
C PRO B 6 21.28 -12.42 -21.53
N ARG B 7 20.93 -11.34 -20.83
CA ARG B 7 19.64 -10.68 -21.02
C ARG B 7 19.62 -9.76 -22.24
N ASP B 8 20.81 -9.36 -22.68
CA ASP B 8 20.96 -8.48 -23.83
C ASP B 8 22.42 -8.49 -24.26
N CYS B 9 22.73 -7.71 -25.29
CA CYS B 9 24.09 -7.65 -25.81
C CYS B 9 25.14 -7.11 -24.84
N LEU B 10 24.75 -6.36 -23.82
CA LEU B 10 25.73 -5.85 -22.87
C LEU B 10 26.20 -7.05 -22.06
N ASP B 11 25.27 -7.90 -21.63
CA ASP B 11 25.63 -9.10 -20.88
C ASP B 11 26.56 -9.95 -21.76
N VAL B 12 26.24 -10.02 -23.05
CA VAL B 12 27.04 -10.79 -23.99
C VAL B 12 28.47 -10.23 -24.04
N LEU B 13 28.58 -8.92 -24.20
CA LEU B 13 29.89 -8.28 -24.26
C LEU B 13 30.68 -8.53 -22.97
N LEU B 14 30.05 -8.25 -21.84
CA LEU B 14 30.71 -8.43 -20.56
C LEU B 14 31.14 -9.86 -20.25
N SER B 15 30.52 -10.83 -20.91
CA SER B 15 30.88 -12.23 -20.71
C SER B 15 32.14 -12.58 -21.50
N GLY B 16 32.62 -11.65 -22.32
CA GLY B 16 33.82 -11.91 -23.08
C GLY B 16 33.69 -11.92 -24.60
N GLN B 17 32.47 -11.76 -25.11
CA GLN B 17 32.25 -11.76 -26.55
C GLN B 17 32.43 -10.35 -27.09
N GLN B 18 33.56 -10.10 -27.75
CA GLN B 18 33.87 -8.77 -28.27
C GLN B 18 33.61 -8.50 -29.75
N ASP B 19 33.19 -9.51 -30.51
CA ASP B 19 32.95 -9.32 -31.94
C ASP B 19 31.49 -9.00 -32.27
N ASP B 20 31.29 -8.10 -33.23
CA ASP B 20 29.93 -7.76 -33.66
C ASP B 20 29.40 -9.05 -34.27
N GLY B 21 28.09 -9.26 -34.15
CA GLY B 21 27.52 -10.46 -34.74
C GLY B 21 26.19 -10.84 -34.13
N VAL B 22 25.70 -12.02 -34.50
CA VAL B 22 24.43 -12.52 -33.99
C VAL B 22 24.65 -13.39 -32.74
N TYR B 23 23.94 -13.06 -31.67
CA TYR B 23 24.05 -13.78 -30.41
C TYR B 23 22.65 -14.07 -29.84
N SER B 24 22.55 -15.06 -28.96
CA SER B 24 21.28 -15.39 -28.31
C SER B 24 21.16 -14.57 -27.02
N VAL B 25 19.97 -14.00 -26.79
CA VAL B 25 19.73 -13.25 -25.56
C VAL B 25 18.43 -13.76 -24.96
N PHE B 26 18.27 -13.57 -23.65
CA PHE B 26 17.10 -14.09 -22.95
C PHE B 26 16.46 -13.06 -22.01
N PRO B 27 15.51 -12.26 -22.51
CA PRO B 27 14.86 -11.26 -21.67
C PRO B 27 14.13 -11.86 -20.48
N THR B 28 14.05 -11.10 -19.40
CA THR B 28 13.39 -11.54 -18.18
C THR B 28 12.04 -12.19 -18.40
N HIS B 29 11.17 -11.57 -19.21
CA HIS B 29 9.85 -12.13 -19.44
C HIS B 29 9.64 -12.77 -20.82
N TYR B 30 10.75 -13.16 -21.44
CA TYR B 30 10.75 -13.83 -22.74
C TYR B 30 11.84 -14.88 -22.57
N PRO B 31 11.66 -15.79 -21.59
CA PRO B 31 12.66 -16.83 -21.34
C PRO B 31 13.10 -17.75 -22.48
N ALA B 32 12.26 -17.93 -23.50
CA ALA B 32 12.65 -18.77 -24.63
C ALA B 32 13.85 -18.09 -25.31
N GLY B 33 13.90 -16.78 -25.21
CA GLY B 33 14.97 -16.02 -25.80
C GLY B 33 14.87 -15.96 -27.32
N PHE B 34 15.81 -15.27 -27.94
CA PHE B 34 15.85 -15.12 -29.39
C PHE B 34 17.19 -14.53 -29.79
N GLN B 35 17.48 -14.54 -31.09
CA GLN B 35 18.74 -14.01 -31.57
C GLN B 35 18.61 -12.56 -32.00
N VAL B 36 19.71 -11.83 -31.83
CA VAL B 36 19.77 -10.42 -32.20
C VAL B 36 21.15 -10.14 -32.73
N TYR B 37 21.31 -8.98 -33.35
CA TYR B 37 22.63 -8.59 -33.84
C TYR B 37 23.18 -7.65 -32.79
N CYS B 38 24.40 -7.90 -32.35
CA CYS B 38 25.05 -7.09 -31.33
C CYS B 38 26.13 -6.19 -31.91
N ASP B 39 26.06 -4.91 -31.55
CA ASP B 39 27.06 -3.92 -31.99
C ASP B 39 28.02 -3.83 -30.80
N MET B 40 29.20 -4.41 -30.97
CA MET B 40 30.20 -4.41 -29.90
C MET B 40 31.28 -3.34 -30.00
N ARG B 41 31.08 -2.35 -30.87
CA ARG B 41 32.07 -1.29 -31.03
C ARG B 41 31.62 0.09 -30.57
N THR B 42 30.41 0.48 -30.94
CA THR B 42 29.88 1.80 -30.60
C THR B 42 29.95 2.19 -29.12
N ASP B 43 30.70 3.26 -28.86
CA ASP B 43 30.86 3.81 -27.52
C ASP B 43 31.11 2.73 -26.45
N GLY B 44 32.02 1.81 -26.75
CA GLY B 44 32.33 0.75 -25.80
C GLY B 44 31.70 -0.58 -26.17
N GLY B 45 30.61 -0.53 -26.93
CA GLY B 45 29.93 -1.75 -27.35
C GLY B 45 28.81 -2.21 -26.41
N GLY B 46 28.16 -3.31 -26.78
CA GLY B 46 27.08 -3.84 -25.97
C GLY B 46 25.71 -3.37 -26.38
N TRP B 47 25.55 -2.97 -27.65
CA TRP B 47 24.26 -2.50 -28.12
C TRP B 47 23.48 -3.58 -28.84
N THR B 48 22.19 -3.67 -28.53
CA THR B 48 21.29 -4.63 -29.14
C THR B 48 20.54 -3.90 -30.25
N VAL B 49 20.81 -4.28 -31.49
CA VAL B 49 20.16 -3.66 -32.64
C VAL B 49 18.72 -4.14 -32.79
N PHE B 50 17.80 -3.24 -33.15
CA PHE B 50 16.42 -3.68 -33.37
C PHE B 50 15.89 -3.21 -34.73
N GLN B 51 16.68 -2.37 -35.42
CA GLN B 51 16.31 -1.88 -36.75
C GLN B 51 17.54 -1.53 -37.57
N ARG B 52 17.48 -1.82 -38.87
CA ARG B 52 18.59 -1.51 -39.76
C ARG B 52 18.12 -1.40 -41.20
N ARG B 53 18.53 -0.31 -41.85
CA ARG B 53 18.25 -0.05 -43.25
C ARG B 53 19.66 0.13 -43.83
N GLU B 54 19.90 -0.38 -45.04
CA GLU B 54 21.23 -0.24 -45.62
C GLU B 54 21.27 -0.35 -47.14
N ASP B 55 20.23 -0.91 -47.75
CA ASP B 55 20.24 -1.08 -49.21
C ASP B 55 18.87 -1.18 -49.87
N GLY B 56 17.80 -1.13 -49.08
CA GLY B 56 16.47 -1.20 -49.63
C GLY B 56 16.06 -2.57 -50.16
N SER B 57 16.75 -3.61 -49.73
CA SER B 57 16.44 -4.96 -50.19
C SER B 57 15.19 -5.54 -49.51
N VAL B 58 14.83 -5.00 -48.35
CA VAL B 58 13.67 -5.49 -47.61
C VAL B 58 12.51 -4.51 -47.62
N ASN B 59 11.29 -5.03 -47.73
CA ASN B 59 10.09 -4.20 -47.75
C ASN B 59 9.70 -3.82 -46.32
N PHE B 60 9.67 -2.52 -46.03
CA PHE B 60 9.31 -2.03 -44.71
C PHE B 60 7.90 -1.50 -44.61
N PHE B 61 7.19 -1.45 -45.72
CA PHE B 61 5.82 -0.96 -45.71
C PHE B 61 4.96 -2.18 -45.35
N ARG B 62 5.12 -2.64 -44.12
CA ARG B 62 4.41 -3.82 -43.61
C ARG B 62 3.29 -3.47 -42.65
N GLY B 63 2.44 -4.47 -42.38
CA GLY B 63 1.31 -4.27 -41.49
C GLY B 63 1.59 -4.48 -40.01
N TRP B 64 0.56 -4.35 -39.20
CA TRP B 64 0.68 -4.51 -37.76
C TRP B 64 1.32 -5.81 -37.28
N ASP B 65 0.83 -6.94 -37.76
CA ASP B 65 1.39 -8.21 -37.33
C ASP B 65 2.88 -8.31 -37.62
N ALA B 66 3.31 -7.79 -38.76
CA ALA B 66 4.72 -7.84 -39.15
C ALA B 66 5.57 -6.98 -38.22
N TYR B 67 5.10 -5.79 -37.89
CA TYR B 67 5.87 -4.91 -37.00
C TYR B 67 5.86 -5.42 -35.57
N ARG B 68 4.89 -6.26 -35.24
CA ARG B 68 4.82 -6.85 -33.90
C ARG B 68 5.79 -8.03 -33.81
N ASP B 69 5.75 -8.91 -34.81
CA ASP B 69 6.59 -10.10 -34.82
C ASP B 69 7.97 -9.94 -35.43
N GLY B 70 8.20 -8.87 -36.18
CA GLY B 70 9.50 -8.65 -36.79
C GLY B 70 9.60 -9.22 -38.19
N PHE B 71 10.59 -8.76 -38.95
CA PHE B 71 10.80 -9.23 -40.32
C PHE B 71 12.22 -8.93 -40.78
N GLY B 72 12.60 -9.46 -41.94
CA GLY B 72 13.94 -9.23 -42.43
C GLY B 72 14.93 -10.22 -41.85
N ARG B 73 16.21 -9.92 -41.99
CA ARG B 73 17.25 -10.81 -41.48
C ARG B 73 18.27 -10.06 -40.63
N LEU B 74 18.65 -10.69 -39.51
CA LEU B 74 19.58 -10.10 -38.54
C LEU B 74 20.90 -9.59 -39.11
N THR B 75 21.37 -10.23 -40.17
CA THR B 75 22.63 -9.83 -40.79
C THR B 75 22.46 -8.75 -41.85
N GLY B 76 21.22 -8.32 -42.07
CA GLY B 76 20.98 -7.30 -43.06
C GLY B 76 19.92 -6.33 -42.59
N GLU B 77 19.01 -5.95 -43.48
CA GLU B 77 17.94 -5.05 -43.13
C GLU B 77 16.90 -5.81 -42.34
N HIS B 78 16.39 -5.20 -41.27
CA HIS B 78 15.38 -5.87 -40.48
C HIS B 78 14.74 -4.99 -39.41
N TRP B 79 13.69 -5.56 -38.82
CA TRP B 79 12.93 -4.95 -37.73
C TRP B 79 12.76 -6.13 -36.78
N LEU B 80 13.34 -6.02 -35.59
CA LEU B 80 13.30 -7.11 -34.60
C LEU B 80 11.90 -7.49 -34.11
N GLY B 81 10.97 -6.55 -34.14
CA GLY B 81 9.63 -6.82 -33.67
C GLY B 81 9.35 -6.13 -32.36
N LEU B 82 8.23 -5.41 -32.28
CA LEU B 82 7.85 -4.69 -31.07
C LEU B 82 7.67 -5.59 -29.85
N LYS B 83 7.23 -6.83 -30.06
CA LYS B 83 7.06 -7.73 -28.93
C LYS B 83 8.43 -7.99 -28.30
N ARG B 84 9.46 -8.09 -29.13
CA ARG B 84 10.81 -8.31 -28.63
C ARG B 84 11.40 -7.02 -28.06
N ILE B 85 11.14 -5.90 -28.72
CA ILE B 85 11.65 -4.63 -28.25
C ILE B 85 11.03 -4.33 -26.89
N HIS B 86 9.76 -4.69 -26.73
CA HIS B 86 9.08 -4.49 -25.46
C HIS B 86 9.70 -5.36 -24.36
N ALA B 87 9.93 -6.63 -24.68
CA ALA B 87 10.53 -7.55 -23.70
C ALA B 87 11.91 -7.08 -23.25
N LEU B 88 12.66 -6.48 -24.17
CA LEU B 88 13.98 -5.99 -23.81
C LEU B 88 13.91 -4.71 -22.97
N THR B 89 13.23 -3.68 -23.47
CA THR B 89 13.16 -2.41 -22.77
C THR B 89 12.44 -2.34 -21.42
N THR B 90 11.63 -3.34 -21.09
CA THR B 90 10.94 -3.32 -19.81
C THR B 90 11.71 -4.08 -18.71
N GLN B 91 12.77 -4.79 -19.08
CA GLN B 91 13.54 -5.55 -18.10
C GLN B 91 14.59 -4.71 -17.37
N ALA B 92 14.84 -3.50 -17.87
CA ALA B 92 15.81 -2.59 -17.28
C ALA B 92 15.66 -1.22 -17.96
N ALA B 93 16.43 -0.24 -17.51
CA ALA B 93 16.37 1.11 -18.11
C ALA B 93 17.38 1.19 -19.24
N TYR B 94 16.90 1.37 -20.47
CA TYR B 94 17.77 1.44 -21.64
C TYR B 94 17.87 2.83 -22.26
N GLU B 95 18.95 3.04 -23.00
CA GLU B 95 19.15 4.27 -23.72
C GLU B 95 19.10 3.83 -25.18
N LEU B 96 18.77 4.75 -26.07
CA LEU B 96 18.68 4.45 -27.48
C LEU B 96 19.75 5.18 -28.27
N HIS B 97 20.38 4.47 -29.21
CA HIS B 97 21.40 5.07 -30.07
C HIS B 97 20.95 4.87 -31.53
N VAL B 98 20.95 5.96 -32.29
CA VAL B 98 20.55 5.90 -33.70
C VAL B 98 21.73 6.34 -34.59
N ASP B 99 22.22 5.43 -35.42
CA ASP B 99 23.32 5.74 -36.34
C ASP B 99 22.72 6.02 -37.71
N LEU B 100 23.21 7.08 -38.35
CA LEU B 100 22.71 7.48 -39.66
C LEU B 100 23.84 7.79 -40.65
N GLU B 101 23.56 7.58 -41.93
CA GLU B 101 24.54 7.86 -42.97
C GLU B 101 23.82 8.23 -44.26
N ASP B 102 24.35 9.23 -44.98
CA ASP B 102 23.77 9.66 -46.23
C ASP B 102 24.50 8.99 -47.39
N PHE B 103 24.23 9.43 -48.61
CA PHE B 103 24.90 8.84 -49.77
C PHE B 103 26.16 9.61 -50.16
N GLU B 104 26.63 10.47 -49.26
CA GLU B 104 27.83 11.27 -49.51
C GLU B 104 28.91 11.03 -48.46
N ASN B 105 28.98 9.81 -47.95
CA ASN B 105 29.95 9.45 -46.93
C ASN B 105 29.82 10.27 -45.65
N GLY B 106 28.64 10.85 -45.43
CA GLY B 106 28.42 11.63 -44.23
C GLY B 106 27.72 10.77 -43.19
N THR B 107 28.05 10.97 -41.91
CA THR B 107 27.43 10.21 -40.84
C THR B 107 27.06 11.09 -39.65
N ALA B 108 26.08 10.64 -38.89
CA ALA B 108 25.62 11.36 -37.70
C ALA B 108 24.90 10.39 -36.78
N TYR B 109 24.63 10.82 -35.55
CA TYR B 109 23.93 9.96 -34.60
C TYR B 109 23.11 10.76 -33.61
N ALA B 110 22.15 10.07 -32.98
CA ALA B 110 21.29 10.66 -31.96
C ALA B 110 21.25 9.66 -30.83
N ARG B 111 21.45 10.15 -29.60
CA ARG B 111 21.44 9.30 -28.42
C ARG B 111 20.34 9.81 -27.49
N TYR B 112 19.57 8.89 -26.93
CA TYR B 112 18.52 9.24 -25.99
C TYR B 112 18.76 8.45 -24.71
N GLY B 113 18.95 9.16 -23.61
CA GLY B 113 19.21 8.54 -22.33
C GLY B 113 18.12 7.65 -21.77
N SER B 114 16.92 7.77 -22.32
CA SER B 114 15.79 6.96 -21.87
C SER B 114 14.99 6.50 -23.08
N PHE B 115 14.65 5.22 -23.13
CA PHE B 115 13.89 4.67 -24.25
C PHE B 115 13.18 3.38 -23.89
N GLY B 116 11.95 3.23 -24.36
CA GLY B 116 11.19 2.02 -24.10
C GLY B 116 9.90 2.03 -24.89
N VAL B 117 9.25 0.87 -25.03
CA VAL B 117 7.98 0.78 -25.73
C VAL B 117 6.99 0.00 -24.87
N GLY B 118 5.81 0.59 -24.66
CA GLY B 118 4.79 -0.03 -23.83
C GLY B 118 5.27 -0.33 -22.43
N LEU B 119 6.13 0.53 -21.89
CA LEU B 119 6.73 0.31 -20.57
C LEU B 119 5.88 -0.15 -19.37
N PHE B 120 4.69 0.41 -19.20
CA PHE B 120 3.86 0.01 -18.07
C PHE B 120 2.50 -0.53 -18.52
N SER B 121 2.39 -0.83 -19.81
CA SER B 121 1.14 -1.35 -20.36
C SER B 121 0.91 -2.79 -19.92
N VAL B 122 -0.29 -3.08 -19.42
CA VAL B 122 -0.63 -4.43 -19.00
C VAL B 122 -0.74 -5.27 -20.30
N ASP B 123 -1.30 -4.67 -21.34
CA ASP B 123 -1.40 -5.34 -22.65
C ASP B 123 -0.69 -4.41 -23.63
N PRO B 124 0.64 -4.58 -23.77
CA PRO B 124 1.42 -3.75 -24.67
C PRO B 124 0.91 -3.66 -26.10
N GLU B 125 0.48 -4.78 -26.69
CA GLU B 125 -0.01 -4.75 -28.06
C GLU B 125 -1.31 -3.95 -28.21
N GLU B 126 -2.28 -4.19 -27.34
CA GLU B 126 -3.54 -3.45 -27.42
C GLU B 126 -3.28 -1.97 -27.19
N ASP B 127 -2.31 -1.68 -26.33
CA ASP B 127 -1.95 -0.30 -25.99
C ASP B 127 -1.19 0.39 -27.11
N GLY B 128 -0.82 -0.38 -28.15
CA GLY B 128 -0.11 0.19 -29.28
C GLY B 128 1.38 0.41 -29.09
N TYR B 129 2.00 -0.35 -28.18
CA TYR B 129 3.43 -0.23 -27.91
C TYR B 129 3.86 1.23 -27.85
N PRO B 130 3.22 2.03 -26.97
CA PRO B 130 3.54 3.45 -26.81
C PRO B 130 5.01 3.75 -26.52
N LEU B 131 5.53 4.77 -27.19
CA LEU B 131 6.91 5.17 -27.07
C LEU B 131 7.25 6.05 -25.86
N THR B 132 8.38 5.73 -25.23
CA THR B 132 8.90 6.49 -24.10
C THR B 132 10.31 6.87 -24.58
N VAL B 133 10.60 8.15 -24.68
CA VAL B 133 11.92 8.58 -25.12
C VAL B 133 12.27 9.96 -24.58
N ALA B 134 13.49 10.14 -24.12
CA ALA B 134 13.91 11.42 -23.55
C ALA B 134 15.43 11.55 -23.42
N ASP B 135 15.87 12.75 -23.05
CA ASP B 135 17.28 13.05 -22.83
C ASP B 135 18.16 12.90 -24.07
N TYR B 136 17.94 13.77 -25.04
CA TYR B 136 18.69 13.75 -26.31
C TYR B 136 20.06 14.43 -26.30
N SER B 137 20.97 13.89 -27.10
CA SER B 137 22.30 14.45 -27.30
C SER B 137 22.82 13.78 -28.57
N GLY B 138 23.53 14.53 -29.41
CA GLY B 138 24.04 13.94 -30.63
C GLY B 138 24.44 14.94 -31.69
N THR B 139 24.74 14.43 -32.89
CA THR B 139 25.16 15.27 -33.99
C THR B 139 24.17 15.30 -35.15
N ALA B 140 23.15 14.44 -35.09
CA ALA B 140 22.17 14.38 -36.15
C ALA B 140 20.98 15.29 -35.83
N GLY B 141 20.94 15.77 -34.61
CA GLY B 141 19.83 16.62 -34.19
C GLY B 141 18.72 15.72 -33.68
N ASP B 142 17.77 16.29 -32.94
CA ASP B 142 16.67 15.51 -32.41
C ASP B 142 15.45 15.48 -33.32
N SER B 143 15.05 14.29 -33.74
CA SER B 143 13.89 14.11 -34.59
C SER B 143 12.96 13.05 -34.01
N LEU B 144 13.08 12.80 -32.71
CA LEU B 144 12.25 11.77 -32.07
C LEU B 144 11.46 12.21 -30.84
N LEU B 145 12.02 13.13 -30.06
CA LEU B 145 11.34 13.60 -28.85
C LEU B 145 9.86 13.98 -29.01
N LYS B 146 9.52 14.58 -30.14
CA LYS B 146 8.13 14.97 -30.38
C LYS B 146 7.21 13.76 -30.52
N HIS B 147 7.80 12.58 -30.69
CA HIS B 147 7.05 11.35 -30.84
C HIS B 147 6.78 10.65 -29.51
N SER B 148 7.38 11.15 -28.43
CA SER B 148 7.20 10.54 -27.13
C SER B 148 5.72 10.50 -26.74
N GLY B 149 5.29 9.38 -26.18
CA GLY B 149 3.90 9.23 -25.77
C GLY B 149 2.98 8.72 -26.87
N MET B 150 3.47 8.68 -28.10
CA MET B 150 2.66 8.20 -29.22
C MET B 150 2.69 6.68 -29.36
N ARG B 151 1.58 6.13 -29.84
CA ARG B 151 1.47 4.69 -30.06
C ARG B 151 2.03 4.42 -31.45
N PHE B 152 2.35 3.16 -31.72
CA PHE B 152 2.89 2.76 -33.01
C PHE B 152 1.74 2.63 -34.00
N THR B 153 1.92 3.20 -35.19
CA THR B 153 0.89 3.15 -36.22
C THR B 153 1.39 2.52 -37.51
N THR B 154 0.55 1.68 -38.10
CA THR B 154 0.87 1.02 -39.36
C THR B 154 -0.24 1.30 -40.35
N LYS B 155 0.00 0.98 -41.61
CA LYS B 155 -0.98 1.19 -42.68
C LYS B 155 -2.32 0.53 -42.38
N ASP B 156 -2.34 -0.45 -41.49
CA ASP B 156 -3.59 -1.14 -41.16
C ASP B 156 -4.06 -1.00 -39.72
N ARG B 157 -3.46 -0.08 -38.97
CA ARG B 157 -3.85 0.15 -37.58
C ARG B 157 -3.47 1.57 -37.20
N ASP B 158 -4.44 2.48 -37.34
CA ASP B 158 -4.26 3.90 -37.07
C ASP B 158 -4.44 4.33 -35.61
N SER B 159 -3.38 4.85 -35.01
CA SER B 159 -3.43 5.31 -33.62
C SER B 159 -2.72 6.66 -33.49
N ASP B 160 -2.57 7.37 -34.60
CA ASP B 160 -1.91 8.67 -34.60
C ASP B 160 -2.88 9.82 -34.31
N HIS B 161 -2.33 11.03 -34.27
CA HIS B 161 -3.14 12.23 -34.01
C HIS B 161 -3.47 12.95 -35.31
N SER B 162 -3.38 12.23 -36.42
CA SER B 162 -3.68 12.81 -37.71
C SER B 162 -5.07 12.45 -38.23
N GLU B 163 -5.59 13.30 -39.10
CA GLU B 163 -6.90 13.10 -39.68
C GLU B 163 -6.86 11.90 -40.63
N ASN B 164 -5.68 11.62 -41.15
CA ASN B 164 -5.48 10.49 -42.07
C ASN B 164 -4.62 9.44 -41.35
N ASN B 165 -4.13 8.46 -42.11
CA ASN B 165 -3.27 7.43 -41.55
C ASN B 165 -1.85 7.83 -41.96
N CYS B 166 -1.06 8.28 -41.00
CA CYS B 166 0.30 8.71 -41.27
C CYS B 166 1.17 7.63 -41.91
N ALA B 167 1.00 6.38 -41.50
CA ALA B 167 1.80 5.29 -42.06
C ALA B 167 1.57 5.14 -43.56
N ALA B 168 0.31 5.24 -43.97
CA ALA B 168 -0.02 5.12 -45.39
C ALA B 168 0.49 6.33 -46.16
N PHE B 169 0.25 7.52 -45.61
CA PHE B 169 0.66 8.75 -46.27
C PHE B 169 2.17 8.88 -46.43
N TYR B 170 2.93 8.53 -45.40
CA TYR B 170 4.38 8.63 -45.47
C TYR B 170 5.06 7.29 -45.71
N ARG B 171 4.26 6.35 -46.22
CA ARG B 171 4.73 5.01 -46.55
C ARG B 171 5.73 4.41 -45.56
N GLY B 172 5.30 4.28 -44.31
CA GLY B 172 6.15 3.71 -43.29
C GLY B 172 5.35 3.12 -42.14
N ALA B 173 5.97 3.10 -40.98
CA ALA B 173 5.37 2.59 -39.75
C ALA B 173 6.20 3.26 -38.66
N TRP B 174 5.54 3.93 -37.74
CA TRP B 174 6.28 4.67 -36.73
C TRP B 174 5.32 5.12 -35.62
N TRP B 175 5.88 5.77 -34.60
CA TRP B 175 5.07 6.29 -33.51
C TRP B 175 4.64 7.68 -33.98
N TYR B 176 3.87 7.70 -35.07
CA TYR B 176 3.40 8.94 -35.67
C TYR B 176 2.52 9.81 -34.78
N ARG B 177 2.71 11.12 -34.91
CA ARG B 177 1.91 12.08 -34.16
C ARG B 177 1.00 12.74 -35.20
N ASN B 178 1.49 13.81 -35.82
CA ASN B 178 0.70 14.52 -36.83
C ASN B 178 1.57 15.36 -37.77
N CYS B 179 2.48 14.73 -38.51
CA CYS B 179 2.69 13.28 -38.48
C CYS B 179 4.06 12.85 -37.94
N HIS B 180 5.13 13.45 -38.45
CA HIS B 180 6.46 13.05 -37.97
C HIS B 180 7.61 14.01 -38.23
N THR B 181 8.73 13.71 -37.57
CA THR B 181 9.97 14.45 -37.73
C THR B 181 11.03 13.41 -38.11
N SER B 182 10.72 12.14 -37.89
CA SER B 182 11.60 11.03 -38.24
C SER B 182 10.74 9.93 -38.87
N ASN B 183 11.29 9.22 -39.84
CA ASN B 183 10.54 8.18 -40.54
C ASN B 183 11.53 7.11 -41.03
N LEU B 184 12.28 6.52 -40.10
CA LEU B 184 13.29 5.52 -40.45
C LEU B 184 12.80 4.21 -41.06
N ASN B 185 11.50 3.94 -40.94
CA ASN B 185 10.93 2.73 -41.55
C ASN B 185 10.24 3.08 -42.87
N GLY B 186 10.55 4.26 -43.41
CA GLY B 186 9.94 4.70 -44.66
C GLY B 186 10.54 4.05 -45.89
N GLN B 187 10.08 4.48 -47.07
CA GLN B 187 10.56 3.92 -48.33
C GLN B 187 12.03 4.26 -48.58
N TYR B 188 12.79 3.28 -49.07
CA TYR B 188 14.20 3.48 -49.37
C TYR B 188 14.27 4.19 -50.72
N LEU B 189 14.11 5.51 -50.70
CA LEU B 189 14.12 6.30 -51.94
C LEU B 189 15.47 6.72 -52.49
N ARG B 190 16.54 6.36 -51.79
CA ARG B 190 17.91 6.67 -52.21
C ARG B 190 18.24 8.15 -52.41
N GLY B 191 18.49 8.85 -51.31
CA GLY B 191 18.85 10.26 -51.40
C GLY B 191 17.73 11.22 -51.71
N ALA B 192 18.08 12.34 -52.35
CA ALA B 192 17.11 13.36 -52.71
C ALA B 192 15.93 12.81 -53.50
N HIS B 193 14.73 13.20 -53.11
CA HIS B 193 13.53 12.78 -53.80
C HIS B 193 12.52 13.93 -53.79
N ALA B 194 11.66 13.97 -54.81
CA ALA B 194 10.67 15.03 -54.95
C ALA B 194 9.46 14.85 -54.03
N SER B 195 9.10 13.60 -53.73
CA SER B 195 7.97 13.34 -52.85
C SER B 195 8.30 13.93 -51.48
N TYR B 196 7.28 14.22 -50.68
CA TYR B 196 7.50 14.83 -49.38
C TYR B 196 7.58 13.88 -48.19
N ALA B 197 8.75 13.86 -47.56
CA ALA B 197 9.01 13.07 -46.35
C ALA B 197 8.51 11.62 -46.29
N ASP B 198 8.50 10.92 -47.41
CA ASP B 198 8.03 9.52 -47.40
C ASP B 198 9.15 8.50 -47.58
N GLY B 199 10.39 8.95 -47.38
CA GLY B 199 11.54 8.05 -47.50
C GLY B 199 12.11 7.80 -46.10
N VAL B 200 13.36 7.34 -46.02
CA VAL B 200 13.99 7.09 -44.73
C VAL B 200 14.51 8.44 -44.23
N GLU B 201 13.65 9.18 -43.53
CA GLU B 201 14.02 10.52 -43.08
C GLU B 201 14.36 10.71 -41.59
N TRP B 202 15.17 11.74 -41.35
CA TRP B 202 15.55 12.18 -40.03
C TRP B 202 15.68 13.67 -40.32
N SER B 203 14.53 14.33 -40.35
CA SER B 203 14.40 15.74 -40.70
C SER B 203 15.41 16.72 -40.12
N SER B 204 15.75 16.59 -38.85
CA SER B 204 16.69 17.51 -38.21
C SER B 204 18.08 17.48 -38.84
N TRP B 205 18.40 16.41 -39.56
CA TRP B 205 19.72 16.32 -40.17
C TRP B 205 19.72 16.53 -41.68
N THR B 206 18.98 15.71 -42.41
CA THR B 206 18.95 15.81 -43.86
C THR B 206 17.67 16.37 -44.48
N GLY B 207 16.75 16.84 -43.64
CA GLY B 207 15.53 17.43 -44.17
C GLY B 207 14.35 16.53 -44.42
N TRP B 208 13.39 17.04 -45.20
CA TRP B 208 12.17 16.31 -45.52
C TRP B 208 12.15 15.66 -46.90
N GLN B 209 13.18 15.92 -47.70
CA GLN B 209 13.24 15.34 -49.03
C GLN B 209 14.54 14.61 -49.33
N TYR B 210 15.01 13.82 -48.36
CA TYR B 210 16.25 13.07 -48.52
C TYR B 210 16.17 11.73 -47.79
N SER B 211 16.16 10.64 -48.55
CA SER B 211 16.09 9.29 -47.98
C SER B 211 17.50 8.77 -47.70
N LEU B 212 17.81 8.60 -46.42
CA LEU B 212 19.12 8.13 -45.99
C LEU B 212 19.55 6.78 -46.57
N LYS B 213 20.86 6.55 -46.56
CA LYS B 213 21.42 5.32 -47.08
C LYS B 213 21.47 4.23 -46.03
N PHE B 214 21.76 4.62 -44.80
CA PHE B 214 21.89 3.67 -43.70
C PHE B 214 21.31 4.21 -42.39
N SER B 215 20.72 3.31 -41.61
CA SER B 215 20.18 3.66 -40.31
C SER B 215 20.20 2.40 -39.45
N GLU B 216 20.51 2.58 -38.18
CA GLU B 216 20.55 1.45 -37.26
C GLU B 216 20.09 1.98 -35.90
N MET B 217 19.07 1.33 -35.34
CA MET B 217 18.55 1.72 -34.03
C MET B 217 18.94 0.60 -33.07
N LYS B 218 19.57 0.96 -31.96
CA LYS B 218 20.03 -0.03 -31.00
C LYS B 218 19.91 0.49 -29.56
N ILE B 219 19.89 -0.44 -28.61
CA ILE B 219 19.74 -0.09 -27.20
C ILE B 219 20.77 -0.73 -26.28
N ARG B 220 21.00 -0.08 -25.13
CA ARG B 220 21.94 -0.57 -24.13
C ARG B 220 21.47 -0.11 -22.76
N PRO B 221 21.56 -0.97 -21.73
CA PRO B 221 21.12 -0.59 -20.39
C PRO B 221 21.92 0.62 -19.91
N VAL B 222 21.27 1.53 -19.19
CA VAL B 222 21.94 2.71 -18.67
C VAL B 222 22.66 2.34 -17.38
#